data_8II2
#
_entry.id   8II2
#
_cell.length_a   42.675
_cell.length_b   85.109
_cell.length_c   64.398
_cell.angle_alpha   90.00
_cell.angle_beta   90.00
_cell.angle_gamma   90.00
#
_symmetry.space_group_name_H-M   'P 21 21 2'
#
loop_
_entity.id
_entity.type
_entity.pdbx_description
1 polymer Transthyretin
2 non-polymer [3,5-bis(bromanyl)-4-oxidanyl-phenyl]-(2-ethyl-1-benzofuran-3-yl)methanone
3 non-polymer 'CALCIUM ION'
4 water water
#
_entity_poly.entity_id   1
_entity_poly.type   'polypeptide(L)'
_entity_poly.pdbx_seq_one_letter_code
;MRGSHHHHHHGSMASHRLLLLCLAGLVFVSEAGPTGTGESKCPLMVKVLDAVRGSPAINVAMHVFRKAADDTWEPFASGK
TSESGELHGLTTEEEFVEGIYKVEIDTKSYWKALGISPFHEHAEVVFTANDSGPRRYTIAALLSPYSYSTTAVVTNPKE
;
_entity_poly.pdbx_strand_id   A,B
#
loop_
_chem_comp.id
_chem_comp.type
_chem_comp.name
_chem_comp.formula
CA non-polymer 'CALCIUM ION' 'Ca 2'
R75 non-polymer [3,5-bis(bromanyl)-4-oxidanyl-phenyl]-(2-ethyl-1-benzofuran-3-yl)methanone 'C17 H12 Br2 O3'
#
# COMPACT_ATOMS: atom_id res chain seq x y z
N CYS A 42 1.76 23.93 -4.98
CA CYS A 42 1.08 22.71 -4.55
C CYS A 42 2.11 21.64 -4.24
N PRO A 43 2.44 21.49 -2.96
CA PRO A 43 3.51 20.57 -2.57
C PRO A 43 3.11 19.11 -2.54
N LEU A 44 1.83 18.79 -2.56
CA LEU A 44 1.39 17.40 -2.51
C LEU A 44 0.15 17.27 -3.37
N MET A 45 0.22 16.42 -4.39
CA MET A 45 -0.92 16.12 -5.24
C MET A 45 -1.02 14.61 -5.42
N VAL A 46 -2.24 14.12 -5.57
CA VAL A 46 -2.48 12.69 -5.74
C VAL A 46 -3.32 12.49 -7.00
N LYS A 47 -2.91 11.54 -7.84
CA LYS A 47 -3.65 11.22 -9.05
C LYS A 47 -4.00 9.75 -9.02
N VAL A 48 -5.25 9.43 -9.35
CA VAL A 48 -5.72 8.05 -9.32
C VAL A 48 -6.32 7.70 -10.68
N LEU A 49 -5.93 6.56 -11.22
CA LEU A 49 -6.40 6.07 -12.51
C LEU A 49 -7.02 4.69 -12.35
N ASP A 50 -7.99 4.41 -13.21
CA ASP A 50 -8.72 3.13 -13.23
C ASP A 50 -8.20 2.32 -14.42
N ALA A 51 -7.59 1.16 -14.15
CA ALA A 51 -7.01 0.36 -15.21
C ALA A 51 -8.02 -0.57 -15.89
N VAL A 52 -9.24 -0.63 -15.39
CA VAL A 52 -10.29 -1.44 -16.00
C VAL A 52 -11.01 -0.66 -17.08
N ARG A 53 -11.32 0.59 -16.78
CA ARG A 53 -12.04 1.47 -17.68
C ARG A 53 -11.11 2.33 -18.53
N GLY A 54 -9.83 2.42 -18.18
CA GLY A 54 -8.93 3.34 -18.85
C GLY A 54 -9.36 4.79 -18.68
N SER A 55 -9.56 5.20 -17.44
CA SER A 55 -10.09 6.54 -17.19
C SER A 55 -9.52 7.03 -15.88
N PRO A 56 -9.61 8.33 -15.61
CA PRO A 56 -9.34 8.80 -14.25
C PRO A 56 -10.31 8.11 -13.31
N ALA A 57 -9.89 7.95 -12.06
CA ALA A 57 -10.73 7.41 -11.00
C ALA A 57 -11.32 8.62 -10.28
N ILE A 58 -12.61 8.88 -10.52
CA ILE A 58 -13.25 10.12 -10.09
C ILE A 58 -13.92 9.93 -8.74
N ASN A 59 -13.92 10.98 -7.92
CA ASN A 59 -14.60 10.98 -6.62
CA ASN A 59 -14.60 10.99 -6.63
C ASN A 59 -14.03 9.94 -5.67
N VAL A 60 -12.73 9.70 -5.74
CA VAL A 60 -12.08 8.74 -4.85
C VAL A 60 -11.66 9.48 -3.58
N ALA A 61 -12.12 8.99 -2.43
CA ALA A 61 -11.77 9.66 -1.19
C ALA A 61 -10.39 9.21 -0.71
N MET A 62 -9.68 10.13 -0.07
CA MET A 62 -8.42 9.76 0.57
C MET A 62 -8.17 10.63 1.78
N HIS A 63 -7.46 10.07 2.74
CA HIS A 63 -7.10 10.73 3.99
C HIS A 63 -5.59 10.71 4.14
N VAL A 64 -5.02 11.86 4.47
CA VAL A 64 -3.59 11.99 4.72
C VAL A 64 -3.37 12.16 6.21
N PHE A 65 -2.42 11.40 6.76
CA PHE A 65 -2.08 11.45 8.18
C PHE A 65 -0.59 11.76 8.32
N ARG A 66 -0.23 12.35 9.44
CA ARG A 66 1.16 12.63 9.74
C ARG A 66 1.54 11.95 11.06
N LYS A 67 2.74 11.39 11.10
CA LYS A 67 3.17 10.69 12.32
C LYS A 67 3.51 11.70 13.40
N ALA A 68 2.86 11.59 14.56
CA ALA A 68 3.10 12.51 15.66
C ALA A 68 4.29 12.07 16.51
N ALA A 69 4.65 12.92 17.46
CA ALA A 69 5.80 12.65 18.33
C ALA A 69 5.60 11.39 19.15
N ASP A 70 4.37 11.09 19.56
CA ASP A 70 4.06 9.89 20.32
C ASP A 70 3.87 8.67 19.44
N ASP A 71 4.21 8.76 18.16
CA ASP A 71 4.12 7.66 17.19
C ASP A 71 2.68 7.30 16.79
N THR A 72 1.72 8.19 17.02
CA THR A 72 0.36 8.01 16.53
C THR A 72 0.18 8.76 15.21
N TRP A 73 -0.79 8.31 14.41
CA TRP A 73 -1.10 8.96 13.13
C TRP A 73 -2.08 10.10 13.38
N GLU A 74 -1.62 11.34 13.19
CA GLU A 74 -2.50 12.49 13.33
C GLU A 74 -3.13 12.85 11.98
N PRO A 75 -4.42 13.13 11.95
CA PRO A 75 -5.04 13.62 10.71
C PRO A 75 -4.35 14.87 10.20
N PHE A 76 -4.10 14.89 8.89
CA PHE A 76 -3.39 16.00 8.27
C PHE A 76 -4.22 16.70 7.21
N ALA A 77 -4.84 15.96 6.31
CA ALA A 77 -5.69 16.54 5.27
C ALA A 77 -6.47 15.42 4.60
N SER A 78 -7.51 15.79 3.86
CA SER A 78 -8.32 14.80 3.17
C SER A 78 -9.06 15.47 2.01
N GLY A 79 -9.58 14.64 1.10
CA GLY A 79 -10.30 15.17 -0.04
C GLY A 79 -10.70 14.05 -0.98
N LYS A 80 -11.28 14.44 -2.13
CA LYS A 80 -11.72 13.49 -3.15
C LYS A 80 -11.14 13.90 -4.50
N THR A 81 -10.86 12.91 -5.35
CA THR A 81 -10.34 13.23 -6.68
C THR A 81 -11.41 13.89 -7.54
N SER A 82 -10.95 14.76 -8.43
CA SER A 82 -11.84 15.49 -9.33
C SER A 82 -12.18 14.63 -10.54
N GLU A 83 -12.80 15.26 -11.55
CA GLU A 83 -13.11 14.57 -12.81
C GLU A 83 -11.85 14.17 -13.57
N SER A 84 -10.71 14.80 -13.31
CA SER A 84 -9.46 14.42 -13.91
C SER A 84 -8.72 13.36 -13.12
N GLY A 85 -9.32 12.84 -12.05
CA GLY A 85 -8.63 11.87 -11.21
C GLY A 85 -7.60 12.47 -10.28
N GLU A 86 -7.55 13.80 -10.17
CA GLU A 86 -6.53 14.49 -9.41
C GLU A 86 -7.12 15.14 -8.16
N LEU A 87 -6.31 15.17 -7.10
CA LEU A 87 -6.67 15.88 -5.88
C LEU A 87 -5.57 16.89 -5.63
N HIS A 88 -5.89 18.16 -5.82
CA HIS A 88 -4.98 19.27 -5.57
C HIS A 88 -5.40 19.97 -4.28
N GLY A 89 -4.51 20.80 -3.76
CA GLY A 89 -4.84 21.67 -2.64
C GLY A 89 -4.90 21.01 -1.29
N LEU A 90 -4.32 19.81 -1.14
CA LEU A 90 -4.37 19.12 0.15
C LEU A 90 -3.67 19.93 1.24
N THR A 91 -2.58 20.62 0.90
CA THR A 91 -1.79 21.30 1.92
C THR A 91 -1.09 22.50 1.31
N THR A 92 -0.27 23.16 2.12
CA THR A 92 0.49 24.33 1.72
C THR A 92 1.95 24.09 2.08
N GLU A 93 2.83 24.92 1.51
CA GLU A 93 4.25 24.77 1.79
C GLU A 93 4.55 24.96 3.28
N GLU A 94 3.85 25.89 3.95
CA GLU A 94 4.13 26.12 5.36
C GLU A 94 3.62 24.98 6.24
N GLU A 95 2.47 24.40 5.88
CA GLU A 95 1.88 23.34 6.69
C GLU A 95 2.58 22.00 6.50
N PHE A 96 3.17 21.78 5.33
CA PHE A 96 3.74 20.48 4.93
C PHE A 96 5.20 20.39 5.39
N VAL A 97 5.36 20.21 6.71
CA VAL A 97 6.68 20.18 7.34
C VAL A 97 7.32 18.80 7.16
N GLU A 98 8.60 18.69 7.52
CA GLU A 98 9.26 17.39 7.63
C GLU A 98 8.41 16.41 8.45
N GLY A 99 8.42 15.15 8.05
CA GLY A 99 7.82 14.13 8.87
C GLY A 99 7.47 12.91 8.03
N ILE A 100 6.80 11.97 8.67
CA ILE A 100 6.36 10.75 8.01
C ILE A 100 4.87 10.87 7.75
N TYR A 101 4.48 10.72 6.49
CA TYR A 101 3.09 10.91 6.08
C TYR A 101 2.55 9.61 5.53
N LYS A 102 1.25 9.43 5.69
CA LYS A 102 0.56 8.27 5.15
C LYS A 102 -0.63 8.78 4.35
N VAL A 103 -0.76 8.29 3.12
CA VAL A 103 -1.92 8.57 2.29
C VAL A 103 -2.72 7.28 2.18
N GLU A 104 -3.96 7.31 2.63
CA GLU A 104 -4.85 6.13 2.63
C GLU A 104 -5.94 6.39 1.61
N ILE A 105 -5.89 5.71 0.47
CA ILE A 105 -6.82 5.94 -0.63
C ILE A 105 -7.93 4.92 -0.54
N ASP A 106 -9.18 5.39 -0.52
CA ASP A 106 -10.31 4.48 -0.29
C ASP A 106 -10.73 3.83 -1.61
N THR A 107 -9.91 2.86 -2.03
CA THR A 107 -10.21 2.16 -3.27
C THR A 107 -11.40 1.22 -3.12
N LYS A 108 -11.66 0.71 -1.91
CA LYS A 108 -12.75 -0.24 -1.77
C LYS A 108 -14.10 0.40 -2.08
N SER A 109 -14.34 1.61 -1.57
CA SER A 109 -15.59 2.30 -1.84
C SER A 109 -15.71 2.67 -3.32
N TYR A 110 -14.59 2.96 -3.97
CA TYR A 110 -14.63 3.26 -5.39
C TYR A 110 -15.11 2.04 -6.20
N TRP A 111 -14.50 0.89 -5.97
CA TRP A 111 -14.88 -0.32 -6.71
C TRP A 111 -16.31 -0.73 -6.40
N LYS A 112 -16.70 -0.68 -5.12
CA LYS A 112 -18.04 -1.12 -4.76
C LYS A 112 -19.12 -0.24 -5.39
N ALA A 113 -18.85 1.06 -5.50
CA ALA A 113 -19.76 1.96 -6.19
C ALA A 113 -19.94 1.59 -7.66
N LEU A 114 -18.97 0.89 -8.25
CA LEU A 114 -19.06 0.41 -9.62
C LEU A 114 -19.55 -1.03 -9.72
N GLY A 115 -20.06 -1.60 -8.63
CA GLY A 115 -20.57 -2.96 -8.66
C GLY A 115 -19.52 -4.05 -8.60
N ILE A 116 -18.31 -3.72 -8.20
CA ILE A 116 -17.20 -4.65 -8.16
C ILE A 116 -16.81 -4.88 -6.70
N SER A 117 -16.50 -6.13 -6.36
CA SER A 117 -16.05 -6.48 -5.02
CA SER A 117 -16.05 -6.48 -5.02
C SER A 117 -14.53 -6.60 -5.06
N PRO A 118 -13.78 -5.60 -4.62
CA PRO A 118 -12.32 -5.64 -4.78
C PRO A 118 -11.66 -6.42 -3.65
N PHE A 119 -10.38 -6.69 -3.86
CA PHE A 119 -9.58 -7.42 -2.88
C PHE A 119 -9.12 -6.54 -1.73
N HIS A 120 -8.61 -5.34 -2.04
CA HIS A 120 -7.95 -4.53 -1.03
C HIS A 120 -8.92 -3.62 -0.31
N GLU A 121 -8.64 -3.36 0.96
CA GLU A 121 -9.43 -2.40 1.72
C GLU A 121 -9.12 -0.97 1.29
N HIS A 122 -7.87 -0.71 0.95
CA HIS A 122 -7.44 0.61 0.51
C HIS A 122 -6.07 0.44 -0.09
N ALA A 123 -5.59 1.50 -0.74
CA ALA A 123 -4.21 1.62 -1.16
C ALA A 123 -3.57 2.67 -0.27
N GLU A 124 -2.54 2.26 0.48
CA GLU A 124 -1.83 3.16 1.38
C GLU A 124 -0.44 3.46 0.82
N VAL A 125 0.03 4.70 1.01
CA VAL A 125 1.40 5.10 0.70
C VAL A 125 1.98 5.78 1.93
N VAL A 126 3.11 5.29 2.43
CA VAL A 126 3.76 5.88 3.61
C VAL A 126 5.17 6.29 3.24
N PHE A 127 5.53 7.54 3.54
CA PHE A 127 6.83 8.02 3.07
C PHE A 127 7.32 9.15 3.97
N THR A 128 8.64 9.33 4.01
CA THR A 128 9.20 10.52 4.65
C THR A 128 9.22 11.67 3.65
N ALA A 129 8.77 12.85 4.10
CA ALA A 129 8.69 14.01 3.24
C ALA A 129 9.57 15.13 3.79
N ASN A 130 10.25 15.84 2.87
CA ASN A 130 10.97 17.08 3.13
C ASN A 130 12.19 16.93 4.02
N ASP A 131 12.77 15.72 4.13
CA ASP A 131 13.90 15.53 5.03
C ASP A 131 15.16 16.27 4.59
N SER A 132 15.29 16.60 3.31
CA SER A 132 16.42 17.36 2.78
C SER A 132 15.99 18.74 2.29
N GLY A 133 14.93 19.29 2.88
CA GLY A 133 14.37 20.53 2.40
C GLY A 133 13.05 20.27 1.70
N PRO A 134 12.33 21.35 1.36
CA PRO A 134 11.02 21.19 0.75
C PRO A 134 11.09 20.58 -0.65
N ARG A 135 10.17 19.66 -0.91
CA ARG A 135 10.02 19.04 -2.23
C ARG A 135 8.56 19.13 -2.64
N ARG A 136 8.29 18.89 -3.92
CA ARG A 136 6.93 18.74 -4.41
C ARG A 136 6.72 17.27 -4.75
N TYR A 137 5.60 16.70 -4.31
CA TYR A 137 5.33 15.28 -4.43
C TYR A 137 4.04 15.08 -5.21
N THR A 138 4.12 14.25 -6.26
CA THR A 138 2.93 13.74 -6.90
C THR A 138 2.87 12.26 -6.57
N ILE A 139 1.78 11.83 -5.95
CA ILE A 139 1.56 10.42 -5.61
C ILE A 139 0.54 9.92 -6.62
N ALA A 140 0.88 8.89 -7.37
CA ALA A 140 -0.03 8.35 -8.35
C ALA A 140 -0.36 6.92 -7.97
N ALA A 141 -1.61 6.53 -8.17
CA ALA A 141 -2.06 5.16 -7.94
C ALA A 141 -2.87 4.70 -9.14
N LEU A 142 -2.59 3.48 -9.59
CA LEU A 142 -3.31 2.86 -10.68
C LEU A 142 -4.03 1.64 -10.12
N LEU A 143 -5.35 1.58 -10.34
CA LEU A 143 -6.23 0.67 -9.62
C LEU A 143 -6.81 -0.39 -10.55
N SER A 144 -6.74 -1.64 -10.12
CA SER A 144 -7.52 -2.75 -10.63
C SER A 144 -8.18 -3.44 -9.44
N PRO A 145 -9.22 -4.25 -9.68
CA PRO A 145 -9.92 -4.87 -8.54
C PRO A 145 -9.01 -5.70 -7.64
N TYR A 146 -8.04 -6.42 -8.21
CA TYR A 146 -7.18 -7.28 -7.41
C TYR A 146 -5.74 -6.81 -7.36
N SER A 147 -5.47 -5.57 -7.77
CA SER A 147 -4.09 -5.14 -7.88
C SER A 147 -4.07 -3.62 -7.84
N TYR A 148 -2.99 -3.06 -7.31
CA TYR A 148 -2.75 -1.63 -7.52
C TYR A 148 -1.26 -1.35 -7.56
N SER A 149 -0.92 -0.22 -8.16
CA SER A 149 0.45 0.25 -8.19
C SER A 149 0.45 1.65 -7.64
N THR A 150 1.54 2.02 -7.00
CA THR A 150 1.72 3.41 -6.62
C THR A 150 3.10 3.86 -6.99
N THR A 151 3.22 5.12 -7.37
CA THR A 151 4.53 5.68 -7.66
C THR A 151 4.54 7.12 -7.19
N ALA A 152 5.74 7.66 -7.08
CA ALA A 152 5.91 9.02 -6.61
C ALA A 152 6.81 9.73 -7.58
N VAL A 153 6.45 10.95 -7.94
CA VAL A 153 7.30 11.84 -8.71
C VAL A 153 7.65 12.99 -7.76
N VAL A 154 8.94 13.15 -7.50
CA VAL A 154 9.41 14.13 -6.52
C VAL A 154 10.27 15.14 -7.26
N THR A 155 9.95 16.42 -7.11
CA THR A 155 10.68 17.46 -7.81
C THR A 155 11.12 18.55 -6.85
N ASN A 156 12.13 19.30 -7.26
CA ASN A 156 12.68 20.36 -6.44
C ASN A 156 12.86 21.63 -7.29
N CYS B 42 -0.87 -24.45 2.59
CA CYS B 42 -0.39 -23.08 2.63
C CYS B 42 -1.49 -22.13 2.20
N PRO B 43 -2.30 -21.68 3.16
CA PRO B 43 -3.40 -20.77 2.82
C PRO B 43 -2.96 -19.38 2.39
N LEU B 44 -1.76 -18.94 2.78
CA LEU B 44 -1.30 -17.58 2.53
C LEU B 44 0.20 -17.64 2.26
N MET B 45 0.61 -17.12 1.10
CA MET B 45 2.02 -16.99 0.77
C MET B 45 2.26 -15.59 0.23
N VAL B 46 3.47 -15.08 0.45
CA VAL B 46 3.85 -13.76 -0.05
C VAL B 46 5.09 -13.91 -0.93
N LYS B 47 5.08 -13.25 -2.08
CA LYS B 47 6.21 -13.29 -2.99
C LYS B 47 6.61 -11.86 -3.34
N VAL B 48 7.91 -11.57 -3.29
CA VAL B 48 8.41 -10.22 -3.53
C VAL B 48 9.47 -10.27 -4.61
N LEU B 49 9.38 -9.35 -5.58
CA LEU B 49 10.31 -9.28 -6.71
C LEU B 49 10.92 -7.90 -6.78
N ASP B 50 12.13 -7.84 -7.34
CA ASP B 50 12.91 -6.61 -7.48
C ASP B 50 12.89 -6.22 -8.97
N ALA B 51 12.30 -5.07 -9.27
CA ALA B 51 12.20 -4.59 -10.64
C ALA B 51 13.44 -3.86 -11.13
N VAL B 52 14.37 -3.51 -10.23
CA VAL B 52 15.61 -2.87 -10.63
C VAL B 52 16.61 -3.91 -11.09
N ARG B 53 16.75 -4.99 -10.33
CA ARG B 53 17.71 -6.04 -10.66
C ARG B 53 17.10 -7.21 -11.42
N GLY B 54 15.78 -7.27 -11.58
CA GLY B 54 15.15 -8.38 -12.25
C GLY B 54 15.37 -9.70 -11.55
N SER B 55 15.04 -9.76 -10.25
CA SER B 55 15.38 -10.93 -9.46
C SER B 55 14.37 -11.06 -8.35
N PRO B 56 14.33 -12.21 -7.68
CA PRO B 56 13.59 -12.26 -6.41
C PRO B 56 14.21 -11.27 -5.45
N ALA B 57 13.36 -10.71 -4.59
CA ALA B 57 13.79 -9.85 -3.50
C ALA B 57 13.99 -10.74 -2.28
N ILE B 58 15.25 -10.99 -1.93
CA ILE B 58 15.60 -12.00 -0.93
C ILE B 58 15.83 -11.31 0.40
N ASN B 59 15.51 -12.02 1.49
CA ASN B 59 15.73 -11.51 2.84
C ASN B 59 14.89 -10.28 3.13
N VAL B 60 13.74 -10.17 2.49
CA VAL B 60 12.82 -9.07 2.77
C VAL B 60 11.96 -9.47 3.98
N ALA B 61 12.00 -8.66 5.03
CA ALA B 61 11.23 -8.93 6.23
C ALA B 61 9.81 -8.39 6.11
N MET B 62 8.85 -9.10 6.69
CA MET B 62 7.48 -8.59 6.73
C MET B 62 6.79 -9.15 7.96
N HIS B 63 5.78 -8.41 8.43
CA HIS B 63 4.88 -8.85 9.49
C HIS B 63 3.45 -8.82 8.95
N VAL B 64 2.66 -9.80 9.36
CA VAL B 64 1.24 -9.87 9.01
C VAL B 64 0.45 -9.57 10.28
N PHE B 65 -0.58 -8.74 10.14
CA PHE B 65 -1.41 -8.35 11.26
C PHE B 65 -2.85 -8.71 10.94
N ARG B 66 -3.65 -8.92 11.98
CA ARG B 66 -5.08 -9.11 11.83
C ARG B 66 -5.78 -8.02 12.63
N LYS B 67 -6.84 -7.46 12.07
CA LYS B 67 -7.52 -6.38 12.77
C LYS B 67 -8.28 -6.94 13.96
N ALA B 68 -8.09 -6.34 15.13
CA ALA B 68 -8.80 -6.79 16.32
C ALA B 68 -10.06 -5.97 16.53
N ALA B 69 -10.97 -6.50 17.35
CA ALA B 69 -12.24 -5.84 17.62
C ALA B 69 -12.05 -4.42 18.10
N ASP B 70 -10.91 -4.13 18.74
CA ASP B 70 -10.56 -2.78 19.16
C ASP B 70 -10.13 -1.90 18.01
N ASP B 71 -10.21 -2.37 16.76
CA ASP B 71 -9.74 -1.64 15.59
C ASP B 71 -8.24 -1.34 15.66
N THR B 72 -7.49 -2.21 16.34
CA THR B 72 -6.04 -2.15 16.41
C THR B 72 -5.45 -3.31 15.62
N TRP B 73 -4.18 -3.18 15.26
CA TRP B 73 -3.49 -4.18 14.44
C TRP B 73 -2.71 -5.11 15.35
N GLU B 74 -3.12 -6.38 15.42
CA GLU B 74 -2.34 -7.30 16.24
C GLU B 74 -1.47 -8.20 15.38
N PRO B 75 -0.21 -8.40 15.77
CA PRO B 75 0.65 -9.33 15.03
C PRO B 75 0.01 -10.70 14.93
N PHE B 76 0.16 -11.31 13.77
CA PHE B 76 -0.41 -12.60 13.40
C PHE B 76 0.65 -13.57 12.89
N ALA B 77 1.63 -13.09 12.12
CA ALA B 77 2.68 -13.93 11.56
C ALA B 77 3.76 -13.02 10.97
N SER B 78 4.93 -13.59 10.70
CA SER B 78 6.02 -12.80 10.15
C SER B 78 7.10 -13.72 9.61
N GLY B 79 8.04 -13.15 8.88
CA GLY B 79 9.15 -13.92 8.34
C GLY B 79 9.95 -13.07 7.38
N LYS B 80 10.90 -13.72 6.69
CA LYS B 80 11.72 -13.09 5.66
C LYS B 80 11.65 -13.93 4.39
N THR B 81 11.66 -13.27 3.24
CA THR B 81 11.58 -14.03 2.00
C THR B 81 12.83 -14.87 1.80
N SER B 82 12.64 -16.02 1.16
CA SER B 82 13.71 -16.94 0.81
C SER B 82 14.47 -16.47 -0.43
N GLU B 83 15.42 -17.29 -0.87
CA GLU B 83 16.15 -16.99 -2.11
C GLU B 83 15.26 -16.95 -3.33
N SER B 84 14.08 -17.56 -3.27
CA SER B 84 13.13 -17.48 -4.36
C SER B 84 12.24 -16.26 -4.23
N GLY B 85 12.47 -15.42 -3.23
CA GLY B 85 11.61 -14.28 -2.98
C GLY B 85 10.28 -14.62 -2.36
N GLU B 86 10.10 -15.85 -1.88
CA GLU B 86 8.82 -16.31 -1.38
C GLU B 86 8.90 -16.53 0.13
N LEU B 87 7.78 -16.30 0.79
CA LEU B 87 7.65 -16.56 2.22
C LEU B 87 6.47 -17.49 2.40
N HIS B 88 6.75 -18.73 2.77
CA HIS B 88 5.76 -19.78 2.97
C HIS B 88 5.59 -20.06 4.46
N GLY B 89 4.56 -20.82 4.79
CA GLY B 89 4.38 -21.27 6.16
C GLY B 89 3.98 -20.18 7.12
N LEU B 90 3.32 -19.12 6.65
CA LEU B 90 2.91 -18.05 7.55
C LEU B 90 1.82 -18.49 8.51
N THR B 91 0.89 -19.33 8.06
CA THR B 91 -0.25 -19.67 8.90
C THR B 91 -0.78 -21.04 8.49
N THR B 92 -1.84 -21.47 9.16
CA THR B 92 -2.47 -22.75 8.88
C THR B 92 -3.92 -22.51 8.49
N GLU B 93 -4.54 -23.51 7.86
CA GLU B 93 -5.95 -23.37 7.47
C GLU B 93 -6.81 -23.08 8.69
N GLU B 94 -6.54 -23.75 9.82
CA GLU B 94 -7.36 -23.54 11.02
C GLU B 94 -7.20 -22.13 11.57
N GLU B 95 -5.99 -21.54 11.43
CA GLU B 95 -5.71 -20.24 12.03
C GLU B 95 -6.17 -19.09 11.16
N PHE B 96 -6.21 -19.29 9.84
CA PHE B 96 -6.51 -18.22 8.89
C PHE B 96 -8.02 -18.12 8.74
N VAL B 97 -8.65 -17.37 9.63
CA VAL B 97 -10.07 -17.17 9.60
C VAL B 97 -10.37 -15.87 8.87
N GLU B 98 -11.63 -15.66 8.53
CA GLU B 98 -12.04 -14.41 7.91
C GLU B 98 -11.70 -13.22 8.80
N GLY B 99 -11.50 -12.09 8.17
CA GLY B 99 -11.13 -10.89 8.88
C GLY B 99 -10.37 -9.97 7.94
N ILE B 100 -9.83 -8.90 8.51
CA ILE B 100 -9.02 -7.94 7.76
C ILE B 100 -7.57 -8.14 8.15
N TYR B 101 -6.72 -8.33 7.16
CA TYR B 101 -5.31 -8.59 7.37
C TYR B 101 -4.48 -7.49 6.73
N LYS B 102 -3.29 -7.28 7.27
CA LYS B 102 -2.36 -6.31 6.76
C LYS B 102 -1.01 -6.99 6.67
N VAL B 103 -0.39 -6.93 5.50
CA VAL B 103 0.99 -7.36 5.32
C VAL B 103 1.83 -6.11 5.20
N GLU B 104 2.74 -5.91 6.13
CA GLU B 104 3.64 -4.75 6.13
C GLU B 104 5.03 -5.25 5.71
N ILE B 105 5.43 -4.90 4.49
CA ILE B 105 6.69 -5.39 3.92
C ILE B 105 7.75 -4.32 4.13
N ASP B 106 8.90 -4.69 4.71
CA ASP B 106 9.92 -3.68 5.02
C ASP B 106 10.78 -3.40 3.79
N THR B 107 10.20 -2.65 2.85
CA THR B 107 10.91 -2.38 1.60
C THR B 107 12.06 -1.40 1.82
N LYS B 108 11.95 -0.52 2.81
CA LYS B 108 13.00 0.46 3.01
C LYS B 108 14.32 -0.21 3.39
N SER B 109 14.27 -1.22 4.27
CA SER B 109 15.50 -1.90 4.66
C SER B 109 16.07 -2.70 3.50
N TYR B 110 15.22 -3.20 2.61
CA TYR B 110 15.69 -3.91 1.43
C TYR B 110 16.51 -3.00 0.53
N TRP B 111 15.98 -1.81 0.21
CA TRP B 111 16.70 -0.88 -0.65
C TRP B 111 17.95 -0.33 0.03
N LYS B 112 17.93 -0.17 1.37
CA LYS B 112 19.11 0.34 2.06
C LYS B 112 20.26 -0.66 1.99
N ALA B 113 19.96 -1.95 2.11
CA ALA B 113 21.02 -2.95 2.02
C ALA B 113 21.65 -3.00 0.64
N LEU B 114 20.95 -2.50 -0.38
CA LEU B 114 21.48 -2.44 -1.73
C LEU B 114 22.14 -1.11 -2.05
N GLY B 115 22.02 -0.11 -1.17
CA GLY B 115 22.57 1.20 -1.44
C GLY B 115 21.69 2.12 -2.25
N ILE B 116 20.39 1.87 -2.32
CA ILE B 116 19.49 2.61 -3.20
C ILE B 116 18.48 3.35 -2.34
N SER B 117 18.32 4.65 -2.60
CA SER B 117 17.48 5.54 -1.80
C SER B 117 16.01 5.34 -2.17
N PRO B 118 15.20 4.83 -1.25
CA PRO B 118 13.79 4.56 -1.58
C PRO B 118 12.84 5.67 -1.19
N PHE B 119 11.66 5.67 -1.79
CA PHE B 119 10.63 6.61 -1.42
C PHE B 119 9.83 6.13 -0.20
N HIS B 120 9.35 4.89 -0.25
CA HIS B 120 8.37 4.42 0.72
C HIS B 120 9.04 3.95 2.00
N GLU B 121 8.36 4.18 3.12
CA GLU B 121 8.82 3.61 4.39
C GLU B 121 8.66 2.10 4.40
N HIS B 122 7.60 1.62 3.77
CA HIS B 122 7.30 0.20 3.65
C HIS B 122 6.15 0.09 2.66
N ALA B 123 5.76 -1.15 2.38
CA ALA B 123 4.61 -1.46 1.55
C ALA B 123 3.58 -2.19 2.41
N GLU B 124 2.39 -1.60 2.57
CA GLU B 124 1.29 -2.19 3.31
C GLU B 124 0.25 -2.71 2.34
N VAL B 125 -0.16 -3.97 2.52
CA VAL B 125 -1.22 -4.57 1.73
C VAL B 125 -2.33 -4.97 2.70
N VAL B 126 -3.49 -4.35 2.57
CA VAL B 126 -4.59 -4.56 3.52
C VAL B 126 -5.77 -5.13 2.75
N PHE B 127 -6.29 -6.26 3.21
CA PHE B 127 -7.32 -6.94 2.45
C PHE B 127 -8.22 -7.73 3.40
N THR B 128 -9.40 -8.09 2.89
CA THR B 128 -10.34 -8.94 3.60
C THR B 128 -10.20 -10.37 3.10
N ALA B 129 -9.97 -11.30 4.02
CA ALA B 129 -10.00 -12.71 3.70
C ALA B 129 -11.44 -13.19 3.85
N ASN B 130 -11.99 -13.77 2.79
CA ASN B 130 -13.39 -14.20 2.76
C ASN B 130 -13.45 -15.71 2.53
N ASP B 131 -14.13 -16.41 3.43
CA ASP B 131 -14.21 -17.87 3.40
C ASP B 131 -15.47 -18.39 2.73
N SER B 132 -15.79 -17.87 1.55
CA SER B 132 -16.90 -18.38 0.74
C SER B 132 -16.28 -19.24 -0.34
N GLY B 133 -16.42 -20.56 -0.21
CA GLY B 133 -15.71 -21.49 -1.04
C GLY B 133 -14.24 -21.56 -0.69
N PRO B 134 -13.54 -22.58 -1.18
CA PRO B 134 -12.11 -22.71 -0.87
C PRO B 134 -11.29 -21.67 -1.60
N ARG B 135 -10.37 -21.04 -0.89
CA ARG B 135 -9.55 -19.97 -1.45
C ARG B 135 -8.16 -20.01 -0.82
N ARG B 136 -7.13 -20.07 -1.66
CA ARG B 136 -5.75 -19.91 -1.25
C ARG B 136 -5.24 -18.59 -1.83
N TYR B 137 -4.39 -17.90 -1.07
CA TYR B 137 -3.98 -16.54 -1.42
C TYR B 137 -2.47 -16.48 -1.62
N THR B 138 -2.05 -15.92 -2.76
CA THR B 138 -0.69 -15.44 -2.93
C THR B 138 -0.75 -13.93 -3.01
N ILE B 139 0.00 -13.26 -2.15
CA ILE B 139 0.14 -11.81 -2.18
C ILE B 139 1.49 -11.54 -2.81
N ALA B 140 1.52 -10.81 -3.92
CA ALA B 140 2.79 -10.54 -4.57
C ALA B 140 3.04 -9.03 -4.59
N ALA B 141 4.31 -8.66 -4.45
CA ALA B 141 4.73 -7.28 -4.53
C ALA B 141 5.92 -7.17 -5.47
N LEU B 142 5.88 -6.15 -6.32
CA LEU B 142 6.96 -5.86 -7.25
C LEU B 142 7.53 -4.51 -6.87
N LEU B 143 8.81 -4.46 -6.55
CA LEU B 143 9.40 -3.31 -5.88
C LEU B 143 10.34 -2.56 -6.81
N SER B 144 10.19 -1.23 -6.82
CA SER B 144 11.14 -0.25 -7.35
C SER B 144 11.39 0.78 -6.27
N PRO B 145 12.48 1.55 -6.38
CA PRO B 145 12.75 2.56 -5.33
C PRO B 145 11.64 3.56 -5.12
N TYR B 146 11.01 4.03 -6.19
CA TYR B 146 9.95 5.03 -6.07
C TYR B 146 8.58 4.51 -6.47
N SER B 147 8.39 3.20 -6.50
CA SER B 147 7.13 2.64 -6.94
C SER B 147 7.04 1.21 -6.43
N TYR B 148 5.80 0.79 -6.14
CA TYR B 148 5.55 -0.63 -5.91
C TYR B 148 4.19 -1.00 -6.46
N SER B 149 4.08 -2.26 -6.87
CA SER B 149 2.82 -2.83 -7.31
C SER B 149 2.55 -4.04 -6.45
N THR B 150 1.28 -4.28 -6.16
CA THR B 150 0.91 -5.50 -5.46
C THR B 150 -0.32 -6.08 -6.13
N THR B 151 -0.41 -7.41 -6.12
CA THR B 151 -1.58 -8.06 -6.67
C THR B 151 -1.85 -9.28 -5.82
N ALA B 152 -3.04 -9.83 -5.97
CA ALA B 152 -3.43 -11.03 -5.25
C ALA B 152 -3.77 -12.09 -6.27
N VAL B 153 -3.24 -13.29 -6.08
CA VAL B 153 -3.55 -14.43 -6.92
C VAL B 153 -4.32 -15.39 -6.01
N VAL B 154 -5.64 -15.45 -6.22
CA VAL B 154 -6.55 -16.20 -5.36
C VAL B 154 -7.08 -17.37 -6.16
N THR B 155 -6.81 -18.59 -5.69
CA THR B 155 -7.16 -19.80 -6.41
C THR B 155 -7.97 -20.74 -5.51
N ASN B 156 -8.59 -21.73 -6.13
CA ASN B 156 -9.40 -22.70 -5.38
C ASN B 156 -8.53 -23.80 -4.80
CAA R75 C . 1.56 9.19 -13.20
CAB R75 C . 1.08 10.41 -13.69
CAC R75 C . 0.18 10.35 -14.73
CAD R75 C . -0.24 9.16 -15.28
CAE R75 C . 0.24 7.94 -14.79
CAF R75 C . 1.16 7.97 -13.73
CAJ R75 C . 1.77 6.87 -13.12
CAL R75 C . 1.46 5.59 -13.39
CAM R75 C . 0.94 4.74 -12.51
CAO R75 C . 1.29 3.65 -14.30
CAP R75 C . 1.71 4.91 -14.51
CAQ R75 C . 0.53 5.03 -11.07
CAR R75 C . 1.04 3.87 -10.21
CAS R75 C . 1.38 2.71 -15.24
CAT R75 C . 1.90 3.02 -16.49
CAU R75 C . 2.32 4.32 -16.68
CAV R75 C . 2.21 5.27 -15.68
OAG R75 C . -0.31 11.53 -15.23
OAK R75 C . 2.65 7.10 -12.33
OAN R75 C . 0.82 3.56 -13.04
BR1 R75 C . -1.47 9.21 -16.67
BR2 R75 C . 1.65 12.07 -12.96
CA CA D . -10.13 -19.58 6.00
CAA R75 E . 3.01 -13.01 -9.21
CAB R75 E . 3.51 -14.30 -9.13
CAC R75 E . 4.71 -14.53 -9.79
CAD R75 E . 5.38 -13.53 -10.48
CAE R75 E . 4.84 -12.24 -10.55
CAF R75 E . 3.65 -11.98 -9.91
CAJ R75 E . 3.01 -10.73 -9.91
CAL R75 E . 3.54 -9.63 -10.48
CAM R75 E . 3.84 -8.53 -9.79
CAO R75 E . 4.23 -8.11 -11.86
CAP R75 E . 3.75 -9.38 -11.78
CAQ R75 E . 3.72 -8.35 -8.28
CAR R75 E . 2.80 -7.14 -8.07
CAS R75 E . 4.57 -7.57 -13.03
CAT R75 E . 4.44 -8.30 -14.20
CAU R75 E . 3.95 -9.60 -14.11
CAV R75 E . 3.61 -10.12 -12.87
OAG R75 E . 5.24 -15.78 -9.72
OAK R75 E . 1.92 -10.65 -9.35
OAN R75 E . 4.27 -7.59 -10.60
BR1 R75 E . 6.97 -13.90 -11.33
BR2 R75 E . 2.61 -15.72 -8.17
#